data_4UN1
#
_entry.id   4UN1
#
_cell.length_a   55.300
_cell.length_b   78.600
_cell.length_c   150.300
_cell.angle_alpha   90.00
_cell.angle_beta   90.00
_cell.angle_gamma   90.00
#
_symmetry.space_group_name_H-M   'P 21 21 21'
#
loop_
_entity.id
_entity.type
_entity.pdbx_description
1 polymer 'PUTATIVE TRANSCRIPTIONAL REGULATOR, ASNC FAMILY'
2 polymer 'PUTATIVE TRANSCRIPTIONAL REGULATOR, ASNC FAMILY'
3 non-polymer 12,18-DIDECARBOXY-SIROHEME
4 water water
#
loop_
_entity_poly.entity_id
_entity_poly.type
_entity_poly.pdbx_seq_one_letter_code
_entity_poly.pdbx_strand_id
1 'polypeptide(L)'
;MTTQTSAATGSPTQQNNAALADMDSMDRQLLDIIQTGFPLSPRPYAELGQRLGLDEQEVLDRVRGLKARKIIRRLGANFQ
SAKLGFVSTLCAAKVPQDKMDAFVAEVNAKPGVTHNYLREHDYNIWFTLISPSREETQAILDGITQATGVPILNLPATKL
FKIRVDFRMDNDS
;
A,C
2 'polypeptide(L)'
;MGSSHHHHHHSSGLVPRGSHMSHQFSPEEQAVLRIVQANLPDSLTPYADLAEQAGMTEAQVLELLGRLKASGAIRRFGAS
IKHQKTGWTHNAMVAWKVTPDQVDDCGRKAAEHSHISHVYYRPSSAPDWPYEMYTMIHGRSEAECLGVVEDVKRTTSLKE
HAILRSLKELKKTSMTYFT
;
B,D
#
# COMPACT_ATOMS: atom_id res chain seq x y z
N ASP A 22 -8.65 8.17 -29.13
CA ASP A 22 -8.74 8.43 -27.67
C ASP A 22 -7.64 9.43 -27.18
N MET A 23 -6.68 9.74 -28.08
CA MET A 23 -5.50 10.57 -27.79
C MET A 23 -4.84 10.91 -29.12
N ASP A 24 -3.80 11.76 -29.13
CA ASP A 24 -3.17 12.18 -30.40
C ASP A 24 -1.88 11.36 -30.69
N SER A 25 -1.30 11.51 -31.87
CA SER A 25 -0.17 10.66 -32.26
C SER A 25 1.00 10.91 -31.34
N MET A 26 1.15 12.15 -30.85
CA MET A 26 2.16 12.41 -29.84
C MET A 26 1.98 11.53 -28.61
N ASP A 27 0.75 11.32 -28.11
CA ASP A 27 0.56 10.45 -26.97
C ASP A 27 0.91 8.99 -27.32
N ARG A 28 0.63 8.59 -28.54
CA ARG A 28 0.97 7.18 -28.89
C ARG A 28 2.47 6.99 -28.99
N GLN A 29 3.17 7.99 -29.51
CA GLN A 29 4.63 8.01 -29.52
C GLN A 29 5.21 7.99 -28.11
N LEU A 30 4.74 8.90 -27.25
CA LEU A 30 5.05 8.87 -25.80
C LEU A 30 4.85 7.52 -25.11
N LEU A 31 3.66 6.94 -25.23
CA LEU A 31 3.44 5.66 -24.65
C LEU A 31 4.36 4.58 -25.24
N ASP A 32 4.58 4.62 -26.55
CA ASP A 32 5.44 3.60 -27.14
C ASP A 32 6.85 3.68 -26.47
N ILE A 33 7.28 4.90 -26.12
CA ILE A 33 8.60 5.11 -25.52
C ILE A 33 8.53 4.61 -24.08
N ILE A 34 7.50 5.04 -23.34
CA ILE A 34 7.53 4.84 -21.90
C ILE A 34 6.99 3.49 -21.45
N GLN A 35 6.35 2.72 -22.34
CA GLN A 35 6.17 1.26 -22.08
C GLN A 35 7.47 0.41 -22.29
N THR A 36 8.34 0.82 -23.22
CA THR A 36 9.64 0.18 -23.28
C THR A 36 10.42 0.64 -22.02
N GLY A 37 10.33 1.91 -21.68
CA GLY A 37 11.21 2.40 -20.68
C GLY A 37 11.13 3.88 -20.48
N PHE A 38 10.63 4.24 -19.33
CA PHE A 38 10.63 5.60 -18.87
C PHE A 38 12.07 5.97 -18.53
N PRO A 39 12.56 7.15 -18.95
CA PRO A 39 14.03 7.29 -18.96
C PRO A 39 14.64 7.38 -17.56
N LEU A 40 15.78 6.69 -17.37
CA LEU A 40 16.60 6.90 -16.16
C LEU A 40 17.55 8.07 -16.32
N SER A 41 17.07 9.26 -16.10
CA SER A 41 17.93 10.42 -16.10
C SER A 41 17.33 11.43 -15.17
N PRO A 42 18.10 12.44 -14.74
CA PRO A 42 17.61 13.39 -13.72
C PRO A 42 16.40 14.15 -14.12
N ARG A 43 16.29 14.50 -15.41
CA ARG A 43 15.16 15.25 -15.90
C ARG A 43 14.49 14.40 -16.98
N PRO A 44 13.76 13.34 -16.61
CA PRO A 44 13.22 12.30 -17.59
C PRO A 44 12.26 12.91 -18.55
N TYR A 45 11.49 13.90 -18.10
CA TYR A 45 10.49 14.53 -18.96
C TYR A 45 11.14 15.40 -20.04
N ALA A 46 12.26 16.00 -19.68
CA ALA A 46 13.02 16.72 -20.61
C ALA A 46 13.64 15.79 -21.62
N GLU A 47 14.12 14.61 -21.20
CA GLU A 47 14.68 13.71 -22.18
C GLU A 47 13.56 13.31 -23.12
N LEU A 48 12.40 13.02 -22.56
CA LEU A 48 11.29 12.66 -23.43
C LEU A 48 10.88 13.83 -24.32
N GLY A 49 10.91 15.03 -23.75
CA GLY A 49 10.53 16.21 -24.54
C GLY A 49 11.47 16.43 -25.72
N GLN A 50 12.75 16.17 -25.48
CA GLN A 50 13.79 16.28 -26.52
C GLN A 50 13.54 15.28 -27.62
N ARG A 51 13.25 14.04 -27.26
CA ARG A 51 12.95 13.00 -28.23
C ARG A 51 11.61 13.19 -29.00
N LEU A 52 10.59 13.80 -28.38
CA LEU A 52 9.25 13.90 -28.98
C LEU A 52 8.96 15.27 -29.66
N GLY A 53 9.82 16.25 -29.42
CA GLY A 53 9.54 17.62 -29.86
C GLY A 53 8.43 18.24 -29.03
N LEU A 54 8.57 18.14 -27.69
CA LEU A 54 7.63 18.74 -26.75
C LEU A 54 8.39 19.39 -25.59
N ASP A 55 7.84 20.42 -24.97
CA ASP A 55 8.57 20.95 -23.80
C ASP A 55 8.30 20.07 -22.64
N GLU A 56 9.27 20.04 -21.71
CA GLU A 56 9.23 19.25 -20.53
C GLU A 56 7.90 19.21 -19.81
N GLN A 57 7.36 20.38 -19.49
CA GLN A 57 6.10 20.44 -18.75
C GLN A 57 4.90 19.80 -19.52
N GLU A 58 4.82 20.00 -20.84
CA GLU A 58 3.77 19.35 -21.65
C GLU A 58 3.87 17.84 -21.57
N VAL A 59 5.09 17.29 -21.52
CA VAL A 59 5.17 15.83 -21.40
C VAL A 59 4.71 15.36 -20.02
N LEU A 60 5.02 16.13 -18.98
CA LEU A 60 4.47 15.79 -17.65
C LEU A 60 2.98 15.94 -17.58
N ASP A 61 2.48 17.06 -18.09
CA ASP A 61 1.04 17.28 -18.22
C ASP A 61 0.35 16.08 -18.94
N ARG A 62 0.93 15.67 -20.05
CA ARG A 62 0.39 14.54 -20.79
C ARG A 62 0.41 13.21 -20.00
N VAL A 63 1.52 12.93 -19.32
CA VAL A 63 1.62 11.72 -18.50
C VAL A 63 0.54 11.77 -17.40
N ARG A 64 0.45 12.92 -16.75
CA ARG A 64 -0.49 13.09 -15.65
C ARG A 64 -1.93 12.89 -16.15
N GLY A 65 -2.29 13.51 -17.28
CA GLY A 65 -3.63 13.27 -17.95
C GLY A 65 -3.93 11.84 -18.34
N LEU A 66 -2.93 11.12 -18.84
CA LEU A 66 -3.13 9.71 -19.22
C LEU A 66 -3.27 8.77 -18.06
N LYS A 67 -2.61 9.15 -16.97
CA LYS A 67 -2.75 8.41 -15.73
C LYS A 67 -4.20 8.69 -15.23
N ALA A 68 -4.64 9.93 -15.25
CA ALA A 68 -5.95 10.31 -14.67
C ALA A 68 -7.13 9.86 -15.53
N ARG A 69 -6.96 9.76 -16.84
CA ARG A 69 -7.90 9.03 -17.66
C ARG A 69 -7.74 7.51 -17.56
N LYS A 70 -6.80 7.06 -16.75
CA LYS A 70 -6.55 5.65 -16.53
C LYS A 70 -6.04 4.88 -17.73
N ILE A 71 -5.62 5.54 -18.81
CA ILE A 71 -4.98 4.79 -19.87
C ILE A 71 -3.53 4.29 -19.42
N ILE A 72 -2.82 5.10 -18.64
CA ILE A 72 -1.68 4.63 -17.83
C ILE A 72 -2.18 4.11 -16.45
N ARG A 73 -2.01 2.82 -16.18
CA ARG A 73 -2.43 2.26 -14.88
C ARG A 73 -1.40 2.51 -13.81
N ARG A 74 -0.13 2.33 -14.16
CA ARG A 74 0.92 2.58 -13.20
C ARG A 74 2.18 3.02 -13.92
N LEU A 75 3.01 3.80 -13.23
CA LEU A 75 4.27 4.25 -13.75
C LEU A 75 5.31 3.95 -12.71
N GLY A 76 6.16 2.94 -12.96
CA GLY A 76 7.01 2.41 -11.91
C GLY A 76 7.67 1.13 -12.39
N ALA A 77 8.15 0.36 -11.43
CA ALA A 77 8.89 -0.87 -11.69
C ALA A 77 8.00 -2.10 -11.68
N ASN A 78 8.35 -3.04 -12.56
CA ASN A 78 7.75 -4.35 -12.65
C ASN A 78 8.90 -5.38 -12.53
N PHE A 79 8.81 -6.33 -11.64
CA PHE A 79 9.98 -7.12 -11.27
C PHE A 79 9.85 -8.51 -11.87
N GLN A 80 10.99 -9.16 -12.08
CA GLN A 80 11.00 -10.55 -12.52
C GLN A 80 11.28 -11.34 -11.25
N SER A 81 10.25 -12.00 -10.70
CA SER A 81 10.34 -12.71 -9.40
C SER A 81 11.59 -13.57 -9.21
N ALA A 82 11.83 -14.40 -10.21
CA ALA A 82 12.93 -15.33 -10.17
C ALA A 82 14.24 -14.62 -9.94
N LYS A 83 14.41 -13.42 -10.51
CA LYS A 83 15.68 -12.74 -10.40
C LYS A 83 15.81 -12.07 -9.06
N LEU A 84 14.75 -12.05 -8.26
CA LEU A 84 14.81 -11.47 -6.95
C LEU A 84 14.92 -12.58 -5.94
N GLY A 85 15.06 -13.81 -6.42
CA GLY A 85 15.24 -14.99 -5.56
C GLY A 85 13.94 -15.67 -5.09
N PHE A 86 12.81 -15.34 -5.68
CA PHE A 86 11.47 -15.84 -5.23
C PHE A 86 11.18 -17.02 -6.15
N VAL A 87 10.46 -17.98 -5.61
CA VAL A 87 9.98 -19.10 -6.42
C VAL A 87 8.48 -19.15 -6.34
N SER A 88 7.89 -19.67 -7.40
CA SER A 88 6.44 -19.67 -7.53
C SER A 88 5.95 -21.11 -7.74
N THR A 89 4.74 -21.42 -7.34
CA THR A 89 4.14 -22.71 -7.57
C THR A 89 2.58 -22.59 -7.72
N LEU A 90 1.99 -23.66 -8.20
CA LEU A 90 0.55 -23.82 -8.26
C LEU A 90 0.21 -24.96 -7.29
N CYS A 91 -0.81 -24.74 -6.50
CA CYS A 91 -1.26 -25.64 -5.47
C CYS A 91 -2.73 -26.05 -5.69
N ALA A 92 -3.03 -27.28 -5.30
CA ALA A 92 -4.31 -27.82 -5.56
C ALA A 92 -4.74 -28.70 -4.37
N ALA A 93 -6.02 -28.64 -4.08
CA ALA A 93 -6.57 -29.49 -3.02
C ALA A 93 -7.99 -29.93 -3.34
N LYS A 94 -8.30 -31.13 -2.81
CA LYS A 94 -9.64 -31.64 -2.73
C LYS A 94 -10.23 -31.20 -1.41
N VAL A 95 -11.11 -30.21 -1.51
CA VAL A 95 -11.66 -29.57 -0.36
C VAL A 95 -13.15 -29.90 -0.17
N PRO A 96 -13.46 -30.68 0.87
CA PRO A 96 -14.86 -31.07 1.18
C PRO A 96 -15.65 -29.86 1.51
N GLN A 97 -16.96 -29.90 1.30
CA GLN A 97 -17.78 -28.72 1.54
C GLN A 97 -17.65 -28.21 2.97
N ASP A 98 -17.45 -29.14 3.90
CA ASP A 98 -17.41 -28.83 5.32
C ASP A 98 -16.09 -28.13 5.73
N LYS A 99 -15.05 -28.25 4.91
CA LYS A 99 -13.82 -27.46 5.20
C LYS A 99 -13.61 -26.23 4.36
N MET A 100 -14.50 -25.98 3.39
CA MET A 100 -14.28 -24.95 2.36
C MET A 100 -14.00 -23.58 2.98
N ASP A 101 -14.93 -23.08 3.81
CA ASP A 101 -14.76 -21.77 4.41
C ASP A 101 -13.44 -21.61 5.19
N ALA A 102 -13.07 -22.59 6.02
CA ALA A 102 -11.90 -22.42 6.85
C ALA A 102 -10.67 -22.50 5.94
N PHE A 103 -10.65 -23.47 5.03
CA PHE A 103 -9.54 -23.61 4.03
C PHE A 103 -9.28 -22.35 3.25
N VAL A 104 -10.36 -21.84 2.61
CA VAL A 104 -10.26 -20.65 1.81
C VAL A 104 -9.74 -19.49 2.61
N ALA A 105 -10.23 -19.31 3.84
CA ALA A 105 -9.67 -18.21 4.67
C ALA A 105 -8.17 -18.39 4.97
N GLU A 106 -7.70 -19.62 5.21
CA GLU A 106 -6.28 -19.79 5.56
C GLU A 106 -5.46 -19.50 4.36
N VAL A 107 -5.95 -19.94 3.19
CA VAL A 107 -5.23 -19.71 1.94
C VAL A 107 -5.21 -18.18 1.65
N ASN A 108 -6.32 -17.47 1.80
CA ASN A 108 -6.40 -16.08 1.35
C ASN A 108 -5.68 -15.14 2.30
N ALA A 109 -5.50 -15.59 3.53
CA ALA A 109 -4.74 -14.90 4.52
C ALA A 109 -3.27 -14.73 4.11
N LYS A 110 -2.74 -15.57 3.22
CA LYS A 110 -1.32 -15.55 2.90
C LYS A 110 -0.99 -14.46 1.84
N PRO A 111 -0.06 -13.56 2.17
CA PRO A 111 0.28 -12.47 1.25
C PRO A 111 0.92 -13.00 -0.03
N GLY A 112 1.57 -14.15 0.02
CA GLY A 112 2.13 -14.71 -1.18
C GLY A 112 1.20 -15.53 -2.03
N VAL A 113 -0.06 -15.64 -1.63
CA VAL A 113 -1.10 -16.16 -2.52
C VAL A 113 -1.74 -15.03 -3.26
N THR A 114 -1.61 -15.00 -4.58
CA THR A 114 -2.10 -13.91 -5.40
C THR A 114 -3.29 -14.34 -6.29
N HIS A 115 -3.49 -15.64 -6.50
CA HIS A 115 -4.65 -16.14 -7.20
C HIS A 115 -5.22 -17.33 -6.46
N ASN A 116 -6.52 -17.40 -6.31
CA ASN A 116 -7.16 -18.54 -5.65
C ASN A 116 -8.48 -18.67 -6.32
N TYR A 117 -8.78 -19.89 -6.73
CA TYR A 117 -9.93 -20.17 -7.56
C TYR A 117 -10.63 -21.46 -7.11
N LEU A 118 -11.95 -21.39 -7.07
CA LEU A 118 -12.80 -22.54 -7.04
C LEU A 118 -12.97 -23.05 -8.46
N ARG A 119 -12.68 -24.32 -8.68
CA ARG A 119 -12.70 -24.87 -10.02
C ARG A 119 -13.50 -26.17 -10.02
N GLU A 120 -13.97 -26.56 -11.19
CA GLU A 120 -14.85 -27.72 -11.31
C GLU A 120 -14.11 -29.03 -11.49
N HIS A 121 -13.68 -29.62 -10.39
CA HIS A 121 -12.98 -30.87 -10.39
C HIS A 121 -12.93 -31.36 -8.93
N ASP A 122 -12.74 -32.65 -8.72
CA ASP A 122 -12.42 -33.14 -7.37
C ASP A 122 -11.39 -32.22 -6.66
N TYR A 123 -10.31 -31.94 -7.38
CA TYR A 123 -9.40 -30.91 -6.94
C TYR A 123 -10.05 -29.59 -7.25
N ASN A 124 -10.74 -29.00 -6.26
CA ASN A 124 -11.66 -27.93 -6.52
C ASN A 124 -11.06 -26.55 -6.08
N ILE A 125 -9.96 -26.57 -5.33
CA ILE A 125 -9.30 -25.31 -4.89
C ILE A 125 -7.89 -25.28 -5.44
N TRP A 126 -7.64 -24.27 -6.27
CA TRP A 126 -6.42 -24.06 -6.95
C TRP A 126 -5.88 -22.65 -6.73
N PHE A 127 -4.67 -22.58 -6.23
CA PHE A 127 -4.08 -21.29 -5.88
C PHE A 127 -2.61 -21.22 -6.21
N THR A 128 -2.12 -20.00 -6.44
CA THR A 128 -0.69 -19.79 -6.64
C THR A 128 -0.06 -19.32 -5.36
N LEU A 129 1.18 -19.64 -5.17
CA LEU A 129 1.88 -19.30 -3.95
C LEU A 129 3.33 -18.98 -4.32
N ILE A 130 3.73 -17.78 -3.88
CA ILE A 130 5.06 -17.26 -4.16
C ILE A 130 5.74 -16.98 -2.86
N SER A 131 7.00 -17.36 -2.74
CA SER A 131 7.77 -17.09 -1.54
C SER A 131 9.26 -17.07 -1.87
N PRO A 132 10.12 -16.79 -0.85
CA PRO A 132 11.56 -16.69 -1.08
C PRO A 132 12.23 -18.00 -1.33
N SER A 133 11.57 -19.12 -1.03
CA SER A 133 12.22 -20.37 -1.25
C SER A 133 11.25 -21.58 -1.30
N ARG A 134 11.69 -22.69 -1.88
CA ARG A 134 10.89 -23.91 -1.97
C ARG A 134 10.55 -24.41 -0.56
N GLU A 135 11.47 -24.18 0.38
CA GLU A 135 11.28 -24.63 1.75
C GLU A 135 10.31 -23.76 2.50
N GLU A 136 10.35 -22.45 2.25
CA GLU A 136 9.39 -21.57 2.90
C GLU A 136 7.99 -21.88 2.36
N THR A 137 7.91 -22.12 1.07
CA THR A 137 6.62 -22.44 0.45
C THR A 137 6.07 -23.72 1.01
N GLN A 138 6.89 -24.74 1.15
CA GLN A 138 6.35 -25.99 1.72
C GLN A 138 5.87 -25.81 3.20
N ALA A 139 6.58 -25.01 3.98
CA ALA A 139 6.23 -24.75 5.38
C ALA A 139 4.91 -23.99 5.46
N ILE A 140 4.68 -23.09 4.50
CA ILE A 140 3.41 -22.44 4.40
C ILE A 140 2.31 -23.42 4.11
N LEU A 141 2.53 -24.30 3.14
CA LEU A 141 1.52 -25.30 2.77
C LEU A 141 1.25 -26.28 3.93
N ASP A 142 2.32 -26.77 4.54
CA ASP A 142 2.20 -27.60 5.74
C ASP A 142 1.43 -26.96 6.91
N GLY A 143 1.64 -25.67 7.15
CA GLY A 143 0.84 -24.95 8.15
C GLY A 143 -0.65 -24.89 7.79
N ILE A 144 -0.97 -24.63 6.51
CA ILE A 144 -2.37 -24.64 6.02
C ILE A 144 -3.01 -26.01 6.32
N THR A 145 -2.30 -27.09 5.99
CA THR A 145 -2.86 -28.44 6.17
C THR A 145 -3.07 -28.75 7.62
N GLN A 146 -2.12 -28.32 8.46
CA GLN A 146 -2.20 -28.50 9.92
C GLN A 146 -3.36 -27.70 10.52
N ALA A 147 -3.65 -26.51 9.98
CA ALA A 147 -4.80 -25.71 10.42
C ALA A 147 -6.18 -26.26 9.97
N THR A 148 -6.27 -26.97 8.85
CA THR A 148 -7.55 -27.29 8.19
C THR A 148 -7.78 -28.77 8.03
N GLY A 149 -6.73 -29.57 8.27
CA GLY A 149 -6.76 -30.98 8.01
C GLY A 149 -6.83 -31.36 6.56
N VAL A 150 -6.58 -30.43 5.64
CA VAL A 150 -6.72 -30.73 4.19
C VAL A 150 -5.33 -30.83 3.53
N PRO A 151 -5.03 -31.99 2.89
CA PRO A 151 -3.73 -32.04 2.24
C PRO A 151 -3.70 -31.17 0.98
N ILE A 152 -2.51 -30.76 0.57
CA ILE A 152 -2.36 -29.85 -0.59
C ILE A 152 -1.31 -30.39 -1.52
N LEU A 153 -1.57 -30.38 -2.82
CA LEU A 153 -0.51 -30.74 -3.80
C LEU A 153 0.30 -29.51 -4.23
N ASN A 154 1.61 -29.61 -4.07
CA ASN A 154 2.53 -28.55 -4.41
C ASN A 154 3.08 -28.86 -5.82
N LEU A 155 2.68 -28.06 -6.84
CA LEU A 155 2.92 -28.37 -8.24
C LEU A 155 3.72 -27.33 -9.04
N PRO A 156 5.00 -27.26 -8.78
CA PRO A 156 5.81 -26.20 -9.37
C PRO A 156 6.05 -26.56 -10.82
N ALA A 157 6.21 -25.57 -11.67
CA ALA A 157 6.51 -25.78 -13.09
C ALA A 157 8.01 -26.04 -13.24
N THR A 158 8.38 -27.03 -13.97
CA THR A 158 9.78 -27.22 -14.32
C THR A 158 10.13 -26.85 -15.75
N LYS A 159 9.11 -26.71 -16.60
CA LYS A 159 9.28 -26.27 -17.96
C LYS A 159 8.13 -25.34 -18.31
N LEU A 160 8.50 -24.26 -19.03
CA LEU A 160 7.59 -23.30 -19.59
C LEU A 160 7.79 -23.29 -21.09
N PHE A 161 6.70 -23.33 -21.85
CA PHE A 161 6.78 -23.25 -23.29
C PHE A 161 6.06 -21.94 -23.70
N LYS A 162 6.79 -20.80 -23.68
CA LYS A 162 6.45 -19.51 -24.38
C LYS A 162 5.33 -18.64 -23.74
N ILE A 163 5.60 -17.38 -23.33
CA ILE A 163 4.61 -16.51 -22.56
C ILE A 163 4.51 -15.00 -22.97
N ARG A 164 3.29 -14.50 -23.23
CA ARG A 164 3.06 -13.13 -23.81
C ARG A 164 1.98 -12.28 -23.09
N VAL A 165 2.14 -10.94 -23.14
CA VAL A 165 1.27 -10.01 -22.40
C VAL A 165 0.92 -8.70 -23.16
N ASP A 166 -0.31 -8.22 -23.00
CA ASP A 166 -0.78 -6.92 -23.54
C ASP A 166 -2.16 -6.53 -23.00
N MET B 21 15.27 -10.12 1.27
CA MET B 21 15.76 -8.97 0.48
C MET B 21 17.12 -8.40 0.99
N SER B 22 17.38 -8.47 2.31
CA SER B 22 18.61 -7.88 2.89
C SER B 22 19.98 -8.52 2.50
N HIS B 23 19.90 -9.73 1.94
CA HIS B 23 21.07 -10.40 1.36
C HIS B 23 21.50 -9.86 0.00
N GLN B 24 20.57 -9.20 -0.69
CA GLN B 24 20.78 -8.62 -2.06
C GLN B 24 20.76 -7.07 -2.07
N PHE B 25 20.05 -6.45 -1.10
CA PHE B 25 19.81 -5.02 -1.14
C PHE B 25 20.04 -4.37 0.19
N SER B 26 20.71 -3.21 0.18
CA SER B 26 20.84 -2.42 1.39
C SER B 26 19.44 -1.93 1.84
N PRO B 27 19.33 -1.44 3.08
CA PRO B 27 18.06 -0.84 3.51
C PRO B 27 17.61 0.35 2.65
N GLU B 28 18.55 1.20 2.29
CA GLU B 28 18.25 2.38 1.45
C GLU B 28 17.76 1.96 0.05
N GLU B 29 18.37 0.93 -0.48
CA GLU B 29 17.99 0.43 -1.79
C GLU B 29 16.59 -0.20 -1.76
N GLN B 30 16.33 -0.99 -0.72
CA GLN B 30 14.96 -1.51 -0.48
C GLN B 30 13.92 -0.39 -0.34
N ALA B 31 14.27 0.72 0.33
CA ALA B 31 13.39 1.89 0.41
C ALA B 31 13.04 2.49 -0.95
N VAL B 32 14.03 2.53 -1.82
CA VAL B 32 13.74 2.88 -3.19
C VAL B 32 12.76 1.90 -3.85
N LEU B 33 13.06 0.60 -3.78
CA LEU B 33 12.32 -0.36 -4.46
C LEU B 33 10.87 -0.45 -3.91
N ARG B 34 10.69 -0.21 -2.64
CA ARG B 34 9.33 -0.15 -2.07
C ARG B 34 8.50 1.00 -2.72
N ILE B 35 9.12 2.11 -3.05
CA ILE B 35 8.37 3.23 -3.59
C ILE B 35 8.09 2.90 -5.05
N VAL B 36 9.11 2.46 -5.78
CA VAL B 36 8.93 2.30 -7.22
C VAL B 36 8.06 1.09 -7.55
N GLN B 37 7.93 0.12 -6.66
CA GLN B 37 7.08 -1.00 -6.95
C GLN B 37 5.61 -0.51 -7.07
N ALA B 38 5.27 0.63 -6.49
CA ALA B 38 3.92 1.22 -6.66
C ALA B 38 4.05 2.28 -7.76
N ASN B 39 4.46 3.51 -7.43
CA ASN B 39 4.57 4.56 -8.42
C ASN B 39 5.80 5.42 -8.23
N LEU B 40 6.34 5.90 -9.34
CA LEU B 40 7.34 6.94 -9.31
C LEU B 40 6.79 8.20 -8.76
N PRO B 41 7.58 8.94 -7.99
CA PRO B 41 7.09 10.23 -7.54
C PRO B 41 6.69 11.11 -8.69
N ASP B 42 5.64 11.92 -8.48
CA ASP B 42 5.01 12.68 -9.50
C ASP B 42 5.62 14.10 -9.55
N SER B 43 6.85 14.20 -10.08
CA SER B 43 7.43 15.51 -10.36
C SER B 43 8.35 15.36 -11.55
N LEU B 44 8.89 16.49 -11.94
CA LEU B 44 9.88 16.57 -12.99
C LEU B 44 11.18 15.85 -12.67
N THR B 45 11.37 15.49 -11.42
CA THR B 45 12.63 15.16 -10.88
C THR B 45 12.40 13.97 -9.90
N PRO B 46 11.77 12.88 -10.40
CA PRO B 46 11.37 11.75 -9.54
C PRO B 46 12.52 11.03 -8.88
N TYR B 47 13.68 11.02 -9.51
CA TYR B 47 14.81 10.32 -8.96
C TYR B 47 15.49 11.08 -7.81
N ALA B 48 15.35 12.40 -7.82
CA ALA B 48 15.82 13.27 -6.70
C ALA B 48 14.86 13.11 -5.55
N ASP B 49 13.56 13.02 -5.84
CA ASP B 49 12.54 12.71 -4.82
C ASP B 49 12.77 11.32 -4.23
N LEU B 50 13.08 10.32 -5.05
CA LEU B 50 13.39 9.00 -4.50
C LEU B 50 14.60 9.12 -3.57
N ALA B 51 15.63 9.83 -4.01
CA ALA B 51 16.88 9.94 -3.19
C ALA B 51 16.64 10.55 -1.82
N GLU B 52 15.91 11.67 -1.78
CA GLU B 52 15.57 12.29 -0.49
C GLU B 52 14.64 11.40 0.35
N GLN B 53 13.71 10.66 -0.25
CA GLN B 53 12.88 9.78 0.57
C GLN B 53 13.68 8.60 1.13
N ALA B 54 14.59 8.06 0.33
CA ALA B 54 15.34 6.89 0.77
C ALA B 54 16.62 7.35 1.34
N GLY B 55 17.52 6.50 1.76
CA GLY B 55 18.74 7.23 2.24
C GLY B 55 19.79 7.86 1.30
N MET B 56 19.54 8.28 0.05
CA MET B 56 20.67 8.26 -0.90
C MET B 56 20.76 9.37 -1.91
N THR B 57 21.80 9.38 -2.73
CA THR B 57 21.95 10.39 -3.76
C THR B 57 21.14 9.99 -5.00
N GLU B 58 20.72 11.01 -5.76
CA GLU B 58 19.99 10.79 -6.98
C GLU B 58 20.80 9.92 -7.92
N ALA B 59 22.11 10.15 -8.00
CA ALA B 59 22.93 9.27 -8.84
C ALA B 59 22.91 7.82 -8.36
N GLN B 60 22.91 7.60 -7.05
CA GLN B 60 22.80 6.21 -6.54
C GLN B 60 21.41 5.53 -6.87
N VAL B 61 20.33 6.31 -6.77
CA VAL B 61 19.01 5.86 -7.22
C VAL B 61 19.09 5.44 -8.67
N LEU B 62 19.61 6.27 -9.53
CA LEU B 62 19.69 5.89 -10.93
C LEU B 62 20.58 4.65 -11.23
N GLU B 63 21.73 4.53 -10.53
CA GLU B 63 22.60 3.31 -10.65
C GLU B 63 21.85 2.09 -10.22
N LEU B 64 21.14 2.17 -9.11
CA LEU B 64 20.39 1.00 -8.65
C LEU B 64 19.33 0.55 -9.65
N LEU B 65 18.48 1.47 -10.15
CA LEU B 65 17.48 1.07 -11.11
C LEU B 65 18.12 0.61 -12.41
N GLY B 66 19.20 1.27 -12.78
CA GLY B 66 19.91 0.96 -14.00
C GLY B 66 20.49 -0.43 -13.92
N ARG B 67 21.09 -0.75 -12.80
CA ARG B 67 21.60 -2.12 -12.59
C ARG B 67 20.54 -3.22 -12.66
N LEU B 68 19.37 -2.99 -12.07
CA LEU B 68 18.35 -4.00 -12.11
C LEU B 68 17.64 -4.11 -13.41
N LYS B 69 17.51 -3.00 -14.13
CA LYS B 69 17.00 -3.03 -15.48
C LYS B 69 17.95 -3.91 -16.32
N ALA B 70 19.25 -3.61 -16.24
CA ALA B 70 20.29 -4.27 -17.09
C ALA B 70 20.29 -5.75 -16.82
N SER B 71 20.25 -6.13 -15.53
CA SER B 71 20.16 -7.53 -15.10
C SER B 71 18.85 -8.27 -15.38
N GLY B 72 17.74 -7.59 -15.57
CA GLY B 72 16.50 -8.28 -15.84
C GLY B 72 15.65 -8.39 -14.58
N ALA B 73 16.21 -8.00 -13.42
CA ALA B 73 15.47 -8.05 -12.15
C ALA B 73 14.27 -7.11 -12.20
N ILE B 74 14.47 -5.92 -12.77
CA ILE B 74 13.41 -5.08 -13.23
C ILE B 74 13.11 -5.42 -14.70
N ARG B 75 11.95 -6.00 -14.93
CA ARG B 75 11.48 -6.46 -16.25
C ARG B 75 11.05 -5.27 -17.07
N ARG B 76 10.43 -4.29 -16.43
CA ARG B 76 10.08 -3.06 -17.08
C ARG B 76 10.02 -1.95 -16.04
N PHE B 77 10.70 -0.84 -16.33
CA PHE B 77 10.58 0.35 -15.59
C PHE B 77 9.91 1.37 -16.48
N GLY B 78 8.64 1.62 -16.20
CA GLY B 78 7.85 2.39 -17.11
C GLY B 78 6.38 2.23 -16.91
N ALA B 79 5.65 2.47 -18.00
CA ALA B 79 4.20 2.64 -17.95
C ALA B 79 3.56 1.27 -18.21
N SER B 80 2.61 0.91 -17.35
CA SER B 80 1.72 -0.23 -17.57
C SER B 80 0.40 0.42 -18.06
N ILE B 81 -0.13 0.00 -19.21
CA ILE B 81 -1.31 0.67 -19.82
C ILE B 81 -2.54 -0.23 -19.84
N LYS B 82 -3.72 0.38 -19.95
CA LYS B 82 -4.98 -0.39 -20.09
C LYS B 82 -5.26 -0.92 -21.49
N HIS B 83 -6.48 -1.46 -21.69
CA HIS B 83 -6.97 -2.02 -22.96
C HIS B 83 -5.92 -2.91 -23.67
N GLN B 84 -5.91 -2.90 -25.00
CA GLN B 84 -5.08 -3.82 -25.80
C GLN B 84 -5.56 -5.26 -25.56
N LYS B 85 -6.88 -5.40 -25.32
CA LYS B 85 -7.55 -6.66 -24.97
C LYS B 85 -6.62 -7.76 -24.43
N THR B 86 -6.44 -7.81 -23.10
CA THR B 86 -5.54 -8.79 -22.46
C THR B 86 -6.06 -10.23 -22.56
N GLY B 87 -6.35 -10.66 -23.80
CA GLY B 87 -7.05 -11.92 -24.08
C GLY B 87 -8.54 -11.73 -24.37
N TRP B 88 -8.86 -11.17 -25.54
CA TRP B 88 -10.26 -10.92 -26.02
C TRP B 88 -11.34 -11.00 -24.92
N THR B 89 -11.47 -12.18 -24.32
CA THR B 89 -12.36 -12.46 -23.16
C THR B 89 -12.22 -13.95 -22.86
N HIS B 90 -12.55 -14.38 -21.65
CA HIS B 90 -12.77 -15.82 -21.36
C HIS B 90 -11.51 -16.74 -21.39
N ASN B 91 -11.13 -17.24 -20.22
CA ASN B 91 -9.93 -18.08 -20.08
C ASN B 91 -10.27 -19.55 -19.87
N ALA B 92 -9.29 -20.44 -20.08
CA ALA B 92 -9.49 -21.87 -19.87
C ALA B 92 -8.19 -22.61 -19.45
N MET B 93 -8.17 -23.07 -18.20
CA MET B 93 -7.03 -23.86 -17.65
C MET B 93 -7.31 -25.35 -17.90
N VAL B 94 -6.54 -25.96 -18.77
CA VAL B 94 -6.74 -27.42 -18.94
C VAL B 94 -5.48 -28.25 -18.77
N ALA B 95 -5.64 -29.36 -18.06
CA ALA B 95 -4.50 -30.18 -17.71
C ALA B 95 -4.53 -31.49 -18.48
N TRP B 96 -3.38 -31.88 -19.00
CA TRP B 96 -3.29 -33.03 -19.90
C TRP B 96 -2.29 -34.08 -19.38
N LYS B 97 -2.55 -35.34 -19.66
CA LYS B 97 -1.54 -36.36 -19.38
C LYS B 97 -0.47 -36.33 -20.42
N VAL B 98 0.74 -36.69 -20.03
CA VAL B 98 1.83 -36.59 -20.96
C VAL B 98 2.97 -37.39 -20.41
N THR B 99 3.67 -38.16 -21.26
CA THR B 99 4.80 -38.98 -20.83
C THR B 99 6.07 -38.16 -21.06
N PRO B 100 7.14 -38.45 -20.31
CA PRO B 100 8.40 -37.68 -20.50
C PRO B 100 8.86 -37.51 -21.97
N ASP B 101 8.78 -38.54 -22.79
CA ASP B 101 9.24 -38.39 -24.19
C ASP B 101 8.37 -37.39 -25.02
N GLN B 102 7.09 -37.22 -24.62
CA GLN B 102 6.12 -36.31 -25.26
C GLN B 102 6.19 -34.84 -24.80
N VAL B 103 6.71 -34.60 -23.57
CA VAL B 103 6.73 -33.28 -22.95
C VAL B 103 7.15 -32.12 -23.86
N ASP B 104 8.35 -32.20 -24.40
CA ASP B 104 8.90 -31.06 -25.11
C ASP B 104 8.15 -30.86 -26.42
N ASP B 105 7.81 -31.95 -27.12
CA ASP B 105 7.09 -31.84 -28.40
C ASP B 105 5.68 -31.33 -28.20
N CYS B 106 4.93 -31.98 -27.33
CA CYS B 106 3.60 -31.47 -26.97
C CYS B 106 3.59 -30.06 -26.43
N GLY B 107 4.53 -29.73 -25.55
CA GLY B 107 4.58 -28.40 -24.95
C GLY B 107 4.78 -27.34 -26.04
N ARG B 108 5.78 -27.56 -26.86
CA ARG B 108 6.00 -26.80 -28.08
C ARG B 108 4.79 -26.79 -29.05
N LYS B 109 4.28 -27.95 -29.49
CA LYS B 109 3.17 -27.97 -30.46
C LYS B 109 1.90 -27.31 -29.91
N ALA B 110 1.58 -27.60 -28.64
CA ALA B 110 0.53 -26.86 -27.88
C ALA B 110 0.71 -25.36 -27.81
N ALA B 111 1.93 -24.90 -27.56
CA ALA B 111 2.20 -23.45 -27.42
C ALA B 111 2.08 -22.68 -28.74
N GLU B 112 2.20 -23.39 -29.87
CA GLU B 112 2.04 -22.83 -31.21
C GLU B 112 0.64 -22.33 -31.56
N HIS B 113 -0.36 -22.71 -30.76
CA HIS B 113 -1.74 -22.34 -31.05
C HIS B 113 -1.93 -20.90 -30.71
N SER B 114 -2.64 -20.17 -31.57
CA SER B 114 -2.77 -18.70 -31.40
C SER B 114 -3.46 -18.30 -30.08
N HIS B 115 -4.44 -19.10 -29.69
CA HIS B 115 -5.24 -18.92 -28.45
C HIS B 115 -4.61 -19.54 -27.16
N ILE B 116 -3.41 -20.07 -27.28
CA ILE B 116 -2.72 -20.58 -26.10
C ILE B 116 -1.49 -19.72 -25.80
N SER B 117 -1.57 -18.96 -24.71
CA SER B 117 -0.46 -18.09 -24.32
C SER B 117 0.84 -18.84 -23.93
N HIS B 118 0.70 -19.78 -23.00
CA HIS B 118 1.83 -20.51 -22.41
C HIS B 118 1.36 -21.88 -21.96
N VAL B 119 2.32 -22.78 -21.88
CA VAL B 119 2.06 -24.12 -21.48
C VAL B 119 3.11 -24.40 -20.39
N TYR B 120 2.67 -24.86 -19.22
CA TYR B 120 3.56 -25.35 -18.20
C TYR B 120 3.53 -26.86 -18.08
N TYR B 121 4.69 -27.42 -17.75
CA TYR B 121 4.83 -28.80 -17.29
C TYR B 121 5.10 -28.78 -15.79
N ARG B 122 4.17 -29.33 -14.99
CA ARG B 122 4.24 -29.38 -13.53
C ARG B 122 4.13 -30.87 -13.13
N PRO B 123 5.27 -31.51 -12.91
CA PRO B 123 5.22 -32.92 -12.57
C PRO B 123 4.39 -33.17 -11.32
N SER B 124 3.76 -34.35 -11.30
CA SER B 124 2.92 -34.76 -10.21
C SER B 124 3.04 -36.29 -10.06
N SER B 125 3.15 -36.74 -8.84
CA SER B 125 3.10 -38.16 -8.50
C SER B 125 1.97 -38.40 -7.48
N ALA B 126 0.92 -37.58 -7.53
CA ALA B 126 -0.34 -37.90 -6.86
C ALA B 126 -1.08 -38.88 -7.75
N PRO B 127 -1.38 -40.08 -7.22
CA PRO B 127 -2.08 -41.07 -8.01
C PRO B 127 -3.37 -40.53 -8.62
N ASP B 128 -4.16 -39.79 -7.86
CA ASP B 128 -5.40 -39.27 -8.43
C ASP B 128 -5.26 -37.90 -9.13
N TRP B 129 -4.05 -37.42 -9.36
CA TRP B 129 -3.86 -36.26 -10.21
C TRP B 129 -2.79 -36.58 -11.22
N PRO B 130 -3.18 -37.24 -12.32
CA PRO B 130 -2.12 -37.76 -13.23
C PRO B 130 -1.79 -36.71 -14.33
N TYR B 131 -2.45 -35.56 -14.34
CA TYR B 131 -2.23 -34.55 -15.39
C TYR B 131 -1.07 -33.60 -15.00
N GLU B 132 -0.19 -33.39 -15.97
CA GLU B 132 1.07 -32.67 -15.82
C GLU B 132 1.34 -31.55 -16.80
N MET B 133 0.59 -31.47 -17.89
CA MET B 133 0.83 -30.40 -18.87
C MET B 133 -0.38 -29.51 -18.89
N TYR B 134 -0.14 -28.20 -18.65
CA TYR B 134 -1.19 -27.23 -18.45
C TYR B 134 -1.17 -26.23 -19.58
N THR B 135 -2.26 -26.18 -20.32
CA THR B 135 -2.41 -25.22 -21.42
C THR B 135 -3.39 -24.16 -21.04
N MET B 136 -2.92 -22.92 -21.12
CA MET B 136 -3.73 -21.79 -20.72
C MET B 136 -4.29 -21.28 -22.02
N ILE B 137 -5.61 -21.42 -22.12
CA ILE B 137 -6.34 -21.25 -23.36
C ILE B 137 -7.12 -19.94 -23.28
N HIS B 138 -7.20 -19.22 -24.39
CA HIS B 138 -7.95 -17.95 -24.48
C HIS B 138 -9.03 -18.04 -25.57
N GLY B 139 -10.12 -17.29 -25.40
CA GLY B 139 -11.24 -17.39 -26.35
C GLY B 139 -12.22 -16.23 -26.42
N ARG B 140 -13.45 -16.55 -26.85
CA ARG B 140 -14.66 -15.75 -26.67
C ARG B 140 -15.64 -16.68 -25.95
N SER B 141 -16.22 -17.64 -26.67
CA SER B 141 -17.22 -18.54 -26.09
C SER B 141 -16.65 -19.69 -25.23
N GLU B 142 -17.57 -20.45 -24.65
CA GLU B 142 -17.28 -21.77 -24.08
C GLU B 142 -16.76 -22.65 -25.20
N ALA B 143 -17.63 -22.95 -26.17
CA ALA B 143 -17.30 -23.87 -27.24
C ALA B 143 -16.23 -23.35 -28.21
N GLU B 144 -15.70 -22.16 -27.96
CA GLU B 144 -14.49 -21.73 -28.63
C GLU B 144 -13.32 -22.25 -27.83
N CYS B 145 -13.36 -22.00 -26.52
CA CYS B 145 -12.28 -22.41 -25.65
C CYS B 145 -12.18 -23.92 -25.79
N LEU B 146 -13.31 -24.62 -25.80
CA LEU B 146 -13.32 -26.08 -25.98
C LEU B 146 -12.98 -26.51 -27.40
N GLY B 147 -13.27 -25.64 -28.37
CA GLY B 147 -12.82 -25.83 -29.73
C GLY B 147 -11.31 -25.85 -29.82
N VAL B 148 -10.65 -25.01 -29.01
CA VAL B 148 -9.18 -24.97 -28.95
C VAL B 148 -8.69 -26.25 -28.34
N VAL B 149 -9.48 -26.84 -27.45
CA VAL B 149 -9.14 -28.16 -26.85
C VAL B 149 -9.15 -29.30 -27.86
N GLU B 150 -10.17 -29.33 -28.72
CA GLU B 150 -10.14 -30.24 -29.89
C GLU B 150 -8.93 -29.98 -30.84
N ASP B 151 -8.57 -28.70 -31.05
CA ASP B 151 -7.40 -28.33 -31.84
C ASP B 151 -6.12 -28.93 -31.30
N VAL B 152 -5.91 -28.79 -30.00
CA VAL B 152 -4.81 -29.45 -29.36
C VAL B 152 -4.84 -30.99 -29.58
N LYS B 153 -5.98 -31.67 -29.44
CA LYS B 153 -5.96 -33.13 -29.66
C LYS B 153 -5.58 -33.51 -31.10
N ARG B 154 -5.92 -32.69 -32.11
CA ARG B 154 -5.58 -33.10 -33.48
C ARG B 154 -4.21 -32.65 -33.87
N THR B 155 -3.67 -31.61 -33.26
CA THR B 155 -2.32 -31.15 -33.58
C THR B 155 -1.18 -31.57 -32.65
N THR B 156 -1.48 -32.26 -31.53
CA THR B 156 -0.44 -32.83 -30.63
C THR B 156 -0.83 -34.28 -30.27
N SER B 157 0.06 -35.03 -29.62
CA SER B 157 -0.29 -36.33 -29.10
C SER B 157 -1.05 -36.30 -27.74
N LEU B 158 -1.29 -35.13 -27.18
CA LEU B 158 -2.11 -35.02 -25.96
C LEU B 158 -3.52 -35.53 -26.20
N LYS B 159 -4.04 -36.25 -25.22
CA LYS B 159 -5.33 -36.85 -25.36
C LYS B 159 -6.17 -36.66 -24.09
N GLU B 160 -5.83 -37.38 -23.04
CA GLU B 160 -6.57 -37.33 -21.82
C GLU B 160 -6.31 -36.00 -21.12
N HIS B 161 -7.38 -35.37 -20.63
CA HIS B 161 -7.23 -34.09 -20.00
C HIS B 161 -8.32 -33.88 -18.99
N ALA B 162 -8.16 -32.84 -18.21
CA ALA B 162 -9.16 -32.40 -17.30
C ALA B 162 -9.35 -30.91 -17.48
N ILE B 163 -10.57 -30.51 -17.79
CA ILE B 163 -10.94 -29.13 -17.87
C ILE B 163 -11.23 -28.67 -16.45
N LEU B 164 -10.49 -27.69 -16.02
CA LEU B 164 -10.61 -27.19 -14.67
C LEU B 164 -11.30 -25.85 -14.84
N ARG B 165 -12.57 -25.90 -15.23
CA ARG B 165 -13.48 -24.74 -15.35
C ARG B 165 -13.49 -23.89 -14.07
N SER B 166 -13.25 -22.54 -14.15
CA SER B 166 -13.30 -21.68 -12.99
C SER B 166 -14.71 -21.38 -12.60
N LEU B 167 -14.99 -21.55 -11.34
CA LEU B 167 -16.31 -21.39 -10.89
C LEU B 167 -16.38 -20.09 -10.16
N LYS B 168 -15.32 -19.72 -9.43
CA LYS B 168 -15.38 -18.57 -8.55
C LYS B 168 -13.97 -18.11 -8.34
N GLU B 169 -13.75 -16.82 -8.52
CA GLU B 169 -12.44 -16.20 -8.30
C GLU B 169 -12.36 -15.78 -6.84
N LEU B 170 -11.54 -16.44 -6.03
CA LEU B 170 -11.55 -16.29 -4.60
C LEU B 170 -10.57 -15.25 -4.13
N LYS B 171 -9.47 -15.07 -4.88
CA LYS B 171 -8.50 -14.05 -4.56
C LYS B 171 -7.83 -13.63 -5.81
N LYS B 172 -7.63 -12.33 -5.95
CA LYS B 172 -6.88 -11.83 -7.09
C LYS B 172 -6.08 -10.59 -6.73
N THR B 173 -4.78 -10.72 -6.66
CA THR B 173 -3.98 -9.76 -5.90
C THR B 173 -2.65 -9.67 -6.67
N SER B 174 -1.87 -8.59 -6.59
CA SER B 174 -0.52 -8.58 -7.10
C SER B 174 0.47 -8.83 -5.95
N MET B 175 1.62 -9.43 -6.23
CA MET B 175 2.58 -9.76 -5.21
C MET B 175 3.30 -8.48 -4.80
N THR B 176 3.45 -8.27 -3.48
CA THR B 176 4.37 -7.28 -2.95
C THR B 176 5.75 -7.86 -2.62
N TYR B 177 6.75 -7.63 -3.48
CA TYR B 177 8.09 -8.20 -3.26
C TYR B 177 8.86 -7.48 -2.19
N PHE B 178 8.69 -6.16 -2.10
CA PHE B 178 9.44 -5.39 -1.06
C PHE B 178 8.51 -4.93 -0.01
N THR B 179 8.72 -5.50 1.16
CA THR B 179 7.95 -5.13 2.31
C THR B 179 8.86 -4.50 3.40
N ASP C 24 -23.41 -12.01 19.30
CA ASP C 24 -22.87 -10.67 19.11
C ASP C 24 -22.37 -10.11 20.48
N SER C 25 -22.88 -10.55 21.63
CA SER C 25 -22.23 -10.22 22.94
C SER C 25 -20.76 -10.62 23.01
N MET C 26 -20.45 -11.85 22.60
CA MET C 26 -19.04 -12.32 22.59
C MET C 26 -18.15 -11.47 21.65
N ASP C 27 -18.73 -11.09 20.50
CA ASP C 27 -18.04 -10.27 19.52
C ASP C 27 -17.78 -8.86 20.08
N ARG C 28 -18.78 -8.32 20.81
CA ARG C 28 -18.62 -7.06 21.47
C ARG C 28 -17.52 -7.13 22.50
N GLN C 29 -17.51 -8.16 23.35
CA GLN C 29 -16.43 -8.27 24.34
C GLN C 29 -15.10 -8.43 23.62
N LEU C 30 -15.06 -9.35 22.68
CA LEU C 30 -13.81 -9.50 21.87
C LEU C 30 -13.33 -8.16 21.37
N LEU C 31 -14.24 -7.39 20.78
CA LEU C 31 -13.84 -6.15 20.24
C LEU C 31 -13.33 -5.15 21.27
N ASP C 32 -14.02 -4.97 22.36
CA ASP C 32 -13.53 -4.05 23.37
C ASP C 32 -12.09 -4.40 23.86
N ILE C 33 -11.85 -5.68 24.11
CA ILE C 33 -10.50 -6.11 24.47
C ILE C 33 -9.42 -5.80 23.40
N ILE C 34 -9.65 -6.14 22.16
CA ILE C 34 -8.56 -5.99 21.20
C ILE C 34 -8.41 -4.54 20.70
N GLN C 35 -9.42 -3.70 20.92
CA GLN C 35 -9.26 -2.31 20.68
C GLN C 35 -8.26 -1.75 21.66
N THR C 36 -8.42 -2.08 22.94
CA THR C 36 -7.63 -1.41 23.96
C THR C 36 -6.26 -2.05 23.86
N GLY C 37 -6.21 -3.37 23.68
CA GLY C 37 -4.93 -4.02 23.61
C GLY C 37 -4.97 -5.47 23.09
N PHE C 38 -4.52 -5.70 21.88
CA PHE C 38 -4.35 -7.08 21.41
C PHE C 38 -3.09 -7.69 22.08
N PRO C 39 -3.12 -8.96 22.56
CA PRO C 39 -2.00 -9.46 23.39
C PRO C 39 -0.67 -9.58 22.67
N LEU C 40 0.36 -9.02 23.29
CA LEU C 40 1.71 -9.33 22.91
C LEU C 40 2.18 -10.66 23.50
N SER C 41 1.78 -11.77 22.93
CA SER C 41 2.25 -13.05 23.40
C SER C 41 2.27 -14.08 22.27
N PRO C 42 3.02 -15.17 22.43
CA PRO C 42 3.17 -15.99 21.19
C PRO C 42 1.90 -16.60 20.54
N ARG C 43 0.84 -16.77 21.31
CA ARG C 43 -0.37 -17.34 20.77
C ARG C 43 -1.46 -16.46 21.22
N PRO C 44 -1.53 -15.29 20.59
CA PRO C 44 -2.42 -14.28 21.16
C PRO C 44 -3.91 -14.66 21.09
N TYR C 45 -4.26 -15.48 20.11
CA TYR C 45 -5.69 -15.87 20.01
C TYR C 45 -6.05 -16.89 21.13
N ALA C 46 -5.07 -17.72 21.50
CA ALA C 46 -5.14 -18.60 22.72
C ALA C 46 -5.26 -17.78 24.00
N GLU C 47 -4.45 -16.76 24.16
CA GLU C 47 -4.58 -15.86 25.31
C GLU C 47 -5.96 -15.16 25.36
N LEU C 48 -6.41 -14.56 24.24
CA LEU C 48 -7.75 -14.06 24.15
C LEU C 48 -8.81 -15.10 24.46
N GLY C 49 -8.61 -16.30 23.95
CA GLY C 49 -9.49 -17.40 24.19
C GLY C 49 -9.70 -17.66 25.70
N GLN C 50 -8.60 -17.64 26.45
CA GLN C 50 -8.70 -17.89 27.87
C GLN C 50 -9.43 -16.77 28.57
N ARG C 51 -9.21 -15.54 28.11
CA ARG C 51 -9.88 -14.42 28.74
C ARG C 51 -11.37 -14.38 28.49
N LEU C 52 -11.75 -14.82 27.29
CA LEU C 52 -13.13 -14.94 26.90
C LEU C 52 -13.36 -16.40 27.26
N GLY C 53 -14.35 -17.11 26.77
CA GLY C 53 -14.36 -18.52 27.11
C GLY C 53 -14.33 -19.29 25.84
N LEU C 54 -13.29 -19.06 25.03
CA LEU C 54 -13.29 -19.51 23.66
C LEU C 54 -11.99 -20.19 23.34
N ASP C 55 -12.12 -21.17 22.46
CA ASP C 55 -11.07 -21.85 21.75
C ASP C 55 -10.29 -20.82 20.94
N GLU C 56 -9.00 -21.03 20.76
CA GLU C 56 -8.16 -20.16 19.96
C GLU C 56 -8.65 -19.92 18.55
N GLN C 57 -8.98 -20.99 17.85
CA GLN C 57 -9.46 -20.83 16.45
C GLN C 57 -10.79 -20.08 16.34
N GLU C 58 -11.67 -20.22 17.33
CA GLU C 58 -12.93 -19.44 17.30
C GLU C 58 -12.66 -17.94 17.43
N VAL C 59 -11.66 -17.58 18.26
CA VAL C 59 -11.34 -16.18 18.40
C VAL C 59 -10.82 -15.69 17.05
N LEU C 60 -9.92 -16.42 16.44
CA LEU C 60 -9.40 -15.97 15.14
C LEU C 60 -10.48 -15.84 14.09
N ASP C 61 -11.40 -16.81 14.06
CA ASP C 61 -12.51 -16.74 13.13
C ASP C 61 -13.38 -15.51 13.37
N ARG C 62 -13.60 -15.16 14.63
CA ARG C 62 -14.47 -13.99 14.94
C ARG C 62 -13.78 -12.71 14.55
N VAL C 63 -12.46 -12.63 14.82
CA VAL C 63 -11.69 -11.46 14.39
C VAL C 63 -11.72 -11.27 12.87
N ARG C 64 -11.45 -12.34 12.15
CA ARG C 64 -11.61 -12.30 10.67
C ARG C 64 -13.01 -11.86 10.23
N GLY C 65 -14.02 -12.34 10.95
CA GLY C 65 -15.39 -11.89 10.79
C GLY C 65 -15.58 -10.40 10.84
N LEU C 66 -15.09 -9.81 11.95
CA LEU C 66 -15.22 -8.39 12.23
C LEU C 66 -14.47 -7.60 11.20
N LYS C 67 -13.33 -8.14 10.75
CA LYS C 67 -12.56 -7.55 9.66
C LYS C 67 -13.42 -7.59 8.38
N ALA C 68 -13.94 -8.76 8.03
CA ALA C 68 -14.64 -8.88 6.78
C ALA C 68 -15.91 -8.04 6.78
N ARG C 69 -16.50 -7.76 7.96
CA ARG C 69 -17.68 -6.88 8.01
C ARG C 69 -17.28 -5.43 8.23
N LYS C 70 -16.01 -5.13 7.99
CA LYS C 70 -15.43 -3.79 8.14
C LYS C 70 -15.65 -3.13 9.54
N ILE C 71 -15.96 -3.94 10.54
CA ILE C 71 -16.08 -3.43 11.88
C ILE C 71 -14.71 -3.10 12.43
N ILE C 72 -13.77 -4.02 12.15
CA ILE C 72 -12.29 -3.83 12.29
C ILE C 72 -11.76 -3.39 10.90
N ARG C 73 -11.00 -2.30 10.91
CA ARG C 73 -10.38 -1.69 9.73
C ARG C 73 -8.90 -2.06 9.60
N ARG C 74 -8.19 -2.05 10.73
CA ARG C 74 -6.76 -2.41 10.85
C ARG C 74 -6.53 -3.12 12.21
N LEU C 75 -5.64 -4.08 12.26
CA LEU C 75 -5.14 -4.63 13.53
C LEU C 75 -3.63 -4.48 13.62
N GLY C 76 -3.20 -3.62 14.51
CA GLY C 76 -1.86 -3.17 14.42
C GLY C 76 -1.47 -2.04 15.35
N ALA C 77 -0.31 -1.48 15.06
CA ALA C 77 0.28 -0.48 15.96
C ALA C 77 -0.12 0.89 15.53
N ASN C 78 -0.20 1.77 16.52
CA ASN C 78 -0.52 3.18 16.33
C ASN C 78 0.51 3.92 17.13
N PHE C 79 1.26 4.77 16.48
CA PHE C 79 2.42 5.30 17.12
C PHE C 79 2.21 6.73 17.61
N GLN C 80 3.04 7.14 18.58
CA GLN C 80 3.12 8.55 19.06
C GLN C 80 4.28 9.22 18.38
N SER C 81 4.02 10.17 17.48
CA SER C 81 5.09 10.69 16.62
C SER C 81 6.29 11.24 17.41
N ALA C 82 6.02 11.91 18.51
CA ALA C 82 7.08 12.60 19.22
C ALA C 82 7.99 11.60 19.89
N LYS C 83 7.44 10.49 20.35
CA LYS C 83 8.24 9.41 20.97
C LYS C 83 9.10 8.64 19.97
N LEU C 84 8.83 8.77 18.64
CA LEU C 84 9.74 8.25 17.58
C LEU C 84 10.74 9.33 17.07
N GLY C 85 10.84 10.43 17.81
CA GLY C 85 11.68 11.57 17.42
C GLY C 85 11.14 12.41 16.26
N PHE C 86 9.88 12.21 15.83
CA PHE C 86 9.31 13.04 14.75
C PHE C 86 8.84 14.40 15.30
N VAL C 87 8.97 15.44 14.47
CA VAL C 87 8.41 16.75 14.72
C VAL C 87 7.41 17.21 13.62
N SER C 88 6.49 18.05 14.04
CA SER C 88 5.38 18.42 13.24
C SER C 88 5.24 19.93 13.20
N THR C 89 4.70 20.39 12.10
CA THR C 89 4.47 21.79 11.84
C THR C 89 3.24 22.05 11.03
N LEU C 90 2.80 23.29 11.08
CA LEU C 90 1.79 23.78 10.23
C LEU C 90 2.45 24.79 9.29
N CYS C 91 2.00 24.83 8.04
CA CYS C 91 2.59 25.68 7.04
C CYS C 91 1.52 26.48 6.29
N ALA C 92 1.87 27.69 5.86
CA ALA C 92 0.94 28.55 5.15
C ALA C 92 1.64 29.29 4.06
N ALA C 93 0.90 29.52 2.96
CA ALA C 93 1.45 30.16 1.76
C ALA C 93 0.40 31.06 1.07
N LYS C 94 0.87 32.18 0.58
CA LYS C 94 0.07 33.03 -0.30
C LYS C 94 0.37 32.61 -1.71
N VAL C 95 -0.50 31.81 -2.29
CA VAL C 95 -0.15 31.18 -3.54
C VAL C 95 -0.87 31.85 -4.74
N PRO C 96 -0.14 32.55 -5.62
CA PRO C 96 -0.86 33.20 -6.76
C PRO C 96 -1.48 32.17 -7.72
N GLN C 97 -2.58 32.53 -8.37
CA GLN C 97 -3.31 31.63 -9.26
C GLN C 97 -2.35 30.94 -10.26
N ASP C 98 -1.42 31.68 -10.86
CA ASP C 98 -0.49 31.10 -11.86
C ASP C 98 0.44 29.99 -11.31
N LYS C 99 0.68 29.99 -9.98
CA LYS C 99 1.54 28.99 -9.35
C LYS C 99 0.77 27.91 -8.58
N MET C 100 -0.56 27.98 -8.60
CA MET C 100 -1.37 27.08 -7.77
C MET C 100 -1.14 25.62 -8.13
N ASP C 101 -1.19 25.27 -9.42
CA ASP C 101 -1.15 23.85 -9.83
C ASP C 101 0.20 23.24 -9.41
N ALA C 102 1.30 23.94 -9.72
CA ALA C 102 2.65 23.46 -9.40
C ALA C 102 2.80 23.35 -7.90
N PHE C 103 2.24 24.32 -7.18
CA PHE C 103 2.50 24.36 -5.73
C PHE C 103 1.80 23.18 -5.06
N VAL C 104 0.54 23.02 -5.42
CA VAL C 104 -0.27 21.91 -4.84
C VAL C 104 0.38 20.56 -5.19
N ALA C 105 0.88 20.41 -6.43
CA ALA C 105 1.44 19.10 -6.82
C ALA C 105 2.70 18.82 -5.98
N GLU C 106 3.52 19.85 -5.77
CA GLU C 106 4.70 19.79 -4.91
C GLU C 106 4.39 19.37 -3.49
N VAL C 107 3.44 20.06 -2.87
CA VAL C 107 3.08 19.83 -1.45
C VAL C 107 2.55 18.43 -1.31
N ASN C 108 1.61 18.10 -2.19
CA ASN C 108 0.93 16.83 -2.08
C ASN C 108 1.87 15.64 -2.27
N ALA C 109 2.95 15.83 -3.05
CA ALA C 109 3.88 14.75 -3.34
C ALA C 109 4.68 14.33 -2.12
N LYS C 110 4.74 15.20 -1.10
CA LYS C 110 5.59 14.96 0.06
C LYS C 110 4.82 13.99 1.01
N PRO C 111 5.41 12.83 1.27
CA PRO C 111 4.77 11.85 2.13
C PRO C 111 4.56 12.34 3.58
N GLY C 112 5.37 13.27 4.04
CA GLY C 112 5.16 13.82 5.39
C GLY C 112 4.09 14.90 5.42
N VAL C 113 3.50 15.24 4.28
CA VAL C 113 2.42 16.18 4.30
C VAL C 113 1.15 15.35 4.40
N THR C 114 0.46 15.42 5.53
CA THR C 114 -0.71 14.62 5.79
C THR C 114 -2.06 15.37 5.68
N HIS C 115 -2.05 16.71 5.75
CA HIS C 115 -3.26 17.50 5.47
C HIS C 115 -2.86 18.71 4.62
N ASN C 116 -3.67 18.97 3.62
CA ASN C 116 -3.52 20.13 2.76
C ASN C 116 -4.84 20.70 2.40
N TYR C 117 -4.99 22.04 2.58
CA TYR C 117 -6.30 22.66 2.40
C TYR C 117 -6.18 23.98 1.71
N LEU C 118 -7.12 24.23 0.83
CA LEU C 118 -7.32 25.55 0.29
C LEU C 118 -8.27 26.24 1.29
N ARG C 119 -7.90 27.44 1.72
CA ARG C 119 -8.69 28.22 2.70
C ARG C 119 -8.94 29.64 2.20
N GLU C 120 -10.02 30.26 2.71
CA GLU C 120 -10.48 31.52 2.28
C GLU C 120 -9.71 32.68 2.91
N HIS C 121 -8.44 32.85 2.52
CA HIS C 121 -7.61 33.91 3.00
C HIS C 121 -6.53 34.19 1.94
N ASP C 122 -5.90 35.35 1.92
CA ASP C 122 -4.67 35.48 1.09
C ASP C 122 -3.63 34.39 1.34
N TYR C 123 -3.38 34.03 2.62
CA TYR C 123 -2.77 32.76 2.94
C TYR C 123 -3.78 31.68 2.60
N ASN C 124 -3.74 31.27 1.35
CA ASN C 124 -4.76 30.38 0.83
C ASN C 124 -4.45 28.88 0.90
N ILE C 125 -3.20 28.52 1.06
CA ILE C 125 -2.83 27.10 1.18
C ILE C 125 -2.15 26.85 2.51
N TRP C 126 -2.77 25.91 3.24
CA TRP C 126 -2.37 25.53 4.56
C TRP C 126 -2.19 24.01 4.64
N PHE C 127 -1.07 23.58 5.11
CA PHE C 127 -0.74 22.12 5.16
C PHE C 127 0.08 21.81 6.40
N THR C 128 -0.01 20.56 6.80
CA THR C 128 0.81 20.07 7.89
C THR C 128 1.96 19.25 7.30
N LEU C 129 3.09 19.30 7.95
CA LEU C 129 4.32 18.56 7.47
C LEU C 129 5.03 17.93 8.70
N ILE C 130 5.30 16.63 8.59
CA ILE C 130 5.88 15.83 9.68
C ILE C 130 7.20 15.25 9.15
N SER C 131 8.27 15.36 9.93
CA SER C 131 9.58 14.77 9.53
C SER C 131 10.41 14.45 10.78
N PRO C 132 11.60 13.81 10.59
CA PRO C 132 12.50 13.52 11.72
C PRO C 132 13.13 14.76 12.38
N SER C 133 13.13 15.89 11.72
CA SER C 133 13.83 17.01 12.29
C SER C 133 13.33 18.35 11.78
N ARG C 134 13.59 19.39 12.53
CA ARG C 134 13.19 20.72 12.18
C ARG C 134 13.92 21.12 10.91
N GLU C 135 15.22 20.90 10.88
CA GLU C 135 16.02 21.16 9.68
C GLU C 135 15.56 20.36 8.50
N GLU C 136 15.28 19.10 8.67
CA GLU C 136 14.73 18.33 7.51
C GLU C 136 13.41 18.90 6.98
N THR C 137 12.52 19.27 7.89
CA THR C 137 11.27 19.90 7.53
C THR C 137 11.58 21.19 6.78
N GLN C 138 12.51 22.01 7.30
CA GLN C 138 12.74 23.33 6.68
C GLN C 138 13.33 23.15 5.25
N ALA C 139 14.13 22.12 5.07
CA ALA C 139 14.80 21.86 3.76
C ALA C 139 13.71 21.32 2.79
N ILE C 140 12.77 20.54 3.30
CA ILE C 140 11.61 20.14 2.47
C ILE C 140 10.87 21.39 2.01
N LEU C 141 10.61 22.36 2.90
CA LEU C 141 9.94 23.62 2.53
C LEU C 141 10.74 24.52 1.56
N ASP C 142 12.03 24.70 1.83
CA ASP C 142 12.91 25.42 0.94
C ASP C 142 12.96 24.87 -0.48
N GLY C 143 13.02 23.55 -0.60
CA GLY C 143 12.85 22.82 -1.88
C GLY C 143 11.60 23.19 -2.62
N ILE C 144 10.43 23.10 -1.96
CA ILE C 144 9.19 23.59 -2.57
C ILE C 144 9.26 25.04 -3.04
N THR C 145 9.80 25.92 -2.20
CA THR C 145 9.86 27.33 -2.51
C THR C 145 10.78 27.59 -3.73
N GLN C 146 11.80 26.74 -3.86
CA GLN C 146 12.79 26.86 -4.92
C GLN C 146 12.13 26.38 -6.21
N ALA C 147 11.65 25.13 -6.21
CA ALA C 147 10.90 24.57 -7.33
C ALA C 147 9.78 25.52 -7.80
N THR C 148 9.00 26.11 -6.88
CA THR C 148 7.83 26.91 -7.28
C THR C 148 7.98 28.41 -7.23
N GLY C 149 8.99 28.89 -6.54
CA GLY C 149 9.10 30.35 -6.27
C GLY C 149 8.02 30.94 -5.38
N VAL C 150 7.41 30.12 -4.51
CA VAL C 150 6.40 30.56 -3.56
C VAL C 150 6.97 30.41 -2.13
N PRO C 151 7.15 31.52 -1.41
CA PRO C 151 7.62 31.37 -0.05
C PRO C 151 6.52 30.80 0.89
N ILE C 152 7.00 30.11 1.93
CA ILE C 152 6.13 29.35 2.86
C ILE C 152 6.45 29.76 4.31
N LEU C 153 5.39 30.09 5.05
CA LEU C 153 5.51 30.40 6.42
C LEU C 153 5.48 29.06 7.22
N ASN C 154 6.53 28.83 7.98
CA ASN C 154 6.69 27.61 8.79
C ASN C 154 6.26 27.96 10.20
N LEU C 155 5.10 27.41 10.65
CA LEU C 155 4.51 27.87 11.95
C LEU C 155 4.42 26.72 12.99
N PRO C 156 5.57 26.22 13.49
CA PRO C 156 5.49 25.18 14.53
C PRO C 156 4.91 25.69 15.82
N ALA C 157 4.18 24.81 16.51
CA ALA C 157 3.61 25.13 17.82
C ALA C 157 4.71 25.12 18.86
N THR C 158 4.80 26.16 19.70
CA THR C 158 5.62 26.11 20.93
C THR C 158 4.87 25.72 22.21
N LYS C 159 3.55 25.71 22.15
CA LYS C 159 2.74 25.41 23.28
C LYS C 159 1.40 24.85 22.78
N LEU C 160 0.90 23.90 23.53
CA LEU C 160 -0.38 23.27 23.26
C LEU C 160 -1.21 23.22 24.55
N PHE C 161 -2.49 23.56 24.44
CA PHE C 161 -3.32 23.63 25.57
C PHE C 161 -4.20 22.41 25.79
N LYS C 162 -5.26 22.16 25.03
CA LYS C 162 -6.15 21.04 25.49
C LYS C 162 -5.47 19.67 25.46
N HIS D 23 19.82 5.56 19.39
CA HIS D 23 19.96 6.22 18.05
C HIS D 23 18.72 6.03 17.17
N GLN D 24 18.48 4.78 16.74
CA GLN D 24 17.55 4.47 15.66
C GLN D 24 16.75 3.15 15.93
N PHE D 25 16.33 2.50 14.85
CA PHE D 25 15.84 1.13 14.89
C PHE D 25 16.73 0.42 13.93
N SER D 26 17.07 -0.81 14.23
CA SER D 26 17.85 -1.56 13.29
C SER D 26 16.98 -1.86 12.05
N PRO D 27 17.63 -2.22 10.94
CA PRO D 27 16.90 -2.68 9.76
C PRO D 27 15.86 -3.78 10.04
N GLU D 28 16.22 -4.72 10.91
CA GLU D 28 15.31 -5.82 11.27
C GLU D 28 14.10 -5.30 12.03
N GLU D 29 14.35 -4.39 12.95
CA GLU D 29 13.30 -3.80 13.75
C GLU D 29 12.37 -2.97 12.85
N GLN D 30 12.96 -2.26 11.87
CA GLN D 30 12.20 -1.44 10.94
C GLN D 30 11.30 -2.32 10.09
N ALA D 31 11.76 -3.50 9.71
CA ALA D 31 10.95 -4.41 8.92
C ALA D 31 9.74 -4.85 9.71
N VAL D 32 9.91 -5.13 11.01
CA VAL D 32 8.75 -5.49 11.87
C VAL D 32 7.72 -4.34 11.92
N LEU D 33 8.21 -3.17 12.17
CA LEU D 33 7.41 -1.97 12.32
C LEU D 33 6.72 -1.57 11.03
N ARG D 34 7.35 -1.77 9.87
CA ARG D 34 6.69 -1.51 8.65
C ARG D 34 5.47 -2.37 8.48
N ILE D 35 5.47 -3.61 8.96
CA ILE D 35 4.31 -4.46 8.81
C ILE D 35 3.25 -4.08 9.82
N VAL D 36 3.68 -3.90 11.05
CA VAL D 36 2.74 -3.73 12.14
C VAL D 36 2.05 -2.33 12.07
N GLN D 37 2.63 -1.39 11.33
CA GLN D 37 1.91 -0.10 11.14
C GLN D 37 0.68 -0.22 10.24
N ALA D 38 0.60 -1.31 9.52
CA ALA D 38 -0.52 -1.60 8.67
C ALA D 38 -1.34 -2.66 9.43
N ASN D 39 -1.05 -3.91 9.17
CA ASN D 39 -1.75 -4.98 9.85
C ASN D 39 -0.80 -6.05 10.31
N LEU D 40 -1.06 -6.55 11.49
CA LEU D 40 -0.43 -7.77 11.92
C LEU D 40 -0.71 -8.87 10.94
N PRO D 41 0.25 -9.80 10.78
CA PRO D 41 -0.08 -10.99 9.97
C PRO D 41 -1.34 -11.69 10.43
N ASP D 42 -2.16 -12.15 9.49
CA ASP D 42 -3.45 -12.74 9.85
C ASP D 42 -3.30 -14.26 10.08
N SER D 43 -2.84 -14.64 11.26
CA SER D 43 -2.57 -16.04 11.61
C SER D 43 -2.62 -16.22 13.11
N LEU D 44 -2.65 -17.48 13.57
CA LEU D 44 -2.63 -17.79 15.01
C LEU D 44 -1.28 -17.42 15.62
N THR D 45 -0.23 -17.23 14.82
CA THR D 45 1.10 -16.95 15.37
C THR D 45 1.68 -15.76 14.66
N PRO D 46 1.13 -14.54 14.94
CA PRO D 46 1.54 -13.48 14.06
C PRO D 46 2.92 -12.90 14.37
N TYR D 47 3.37 -13.02 15.61
CA TYR D 47 4.72 -12.65 15.95
C TYR D 47 5.83 -13.55 15.40
N ALA D 48 5.57 -14.84 15.31
CA ALA D 48 6.45 -15.75 14.59
C ALA D 48 6.52 -15.44 13.10
N ASP D 49 5.38 -15.14 12.53
CA ASP D 49 5.32 -14.70 11.15
C ASP D 49 6.14 -13.40 10.99
N LEU D 50 5.97 -12.42 11.89
CA LEU D 50 6.75 -11.17 11.79
C LEU D 50 8.25 -11.52 11.89
N ALA D 51 8.59 -12.38 12.82
CA ALA D 51 9.97 -12.75 13.03
C ALA D 51 10.60 -13.34 11.75
N GLU D 52 9.93 -14.33 11.17
CA GLU D 52 10.39 -14.92 9.92
C GLU D 52 10.60 -13.87 8.86
N GLN D 53 9.63 -12.96 8.71
CA GLN D 53 9.79 -11.91 7.67
C GLN D 53 10.93 -10.97 7.94
N ALA D 54 11.19 -10.60 9.18
CA ALA D 54 12.17 -9.57 9.48
C ALA D 54 13.56 -10.14 9.76
N GLY D 55 13.71 -11.46 9.84
CA GLY D 55 15.00 -12.03 10.17
C GLY D 55 15.33 -11.81 11.63
N MET D 56 14.37 -11.95 12.53
CA MET D 56 14.64 -11.85 13.98
C MET D 56 13.93 -13.02 14.66
N THR D 57 14.12 -13.21 15.96
CA THR D 57 13.34 -14.21 16.64
C THR D 57 12.03 -13.66 17.11
N GLU D 58 11.07 -14.57 17.30
CA GLU D 58 9.76 -14.20 17.88
C GLU D 58 9.92 -13.49 19.23
N ALA D 59 10.88 -13.98 20.05
CA ALA D 59 11.20 -13.33 21.31
C ALA D 59 11.61 -11.87 21.07
N GLN D 60 12.44 -11.64 20.06
CA GLN D 60 12.91 -10.30 19.79
C GLN D 60 11.76 -9.44 19.27
N VAL D 61 10.89 -10.02 18.46
CA VAL D 61 9.73 -9.24 17.97
C VAL D 61 8.88 -8.80 19.18
N LEU D 62 8.64 -9.73 20.12
CA LEU D 62 7.81 -9.39 21.25
C LEU D 62 8.51 -8.37 22.19
N GLU D 63 9.82 -8.46 22.30
CA GLU D 63 10.60 -7.53 23.13
C GLU D 63 10.48 -6.10 22.60
N LEU D 64 10.63 -6.00 21.30
CA LEU D 64 10.52 -4.69 20.63
C LEU D 64 9.11 -4.07 20.74
N LEU D 65 8.06 -4.83 20.44
CA LEU D 65 6.71 -4.28 20.54
C LEU D 65 6.37 -3.93 22.02
N GLY D 66 6.84 -4.76 22.97
CA GLY D 66 6.62 -4.47 24.42
C GLY D 66 7.29 -3.20 24.90
N ARG D 67 8.52 -3.01 24.44
CA ARG D 67 9.39 -1.95 24.87
C ARG D 67 8.74 -0.67 24.39
N LEU D 68 8.31 -0.67 23.13
CA LEU D 68 7.56 0.45 22.54
C LEU D 68 6.22 0.75 23.17
N LYS D 69 5.46 -0.27 23.52
CA LYS D 69 4.20 -0.07 24.22
C LYS D 69 4.53 0.55 25.60
N ALA D 70 5.47 -0.04 26.32
CA ALA D 70 5.83 0.44 27.66
C ALA D 70 6.19 1.91 27.65
N SER D 71 7.12 2.28 26.77
CA SER D 71 7.58 3.67 26.58
C SER D 71 6.55 4.66 25.98
N GLY D 72 5.45 4.15 25.43
CA GLY D 72 4.38 4.94 24.80
C GLY D 72 4.62 5.24 23.34
N ALA D 73 5.77 4.87 22.78
CA ALA D 73 6.05 5.17 21.38
C ALA D 73 5.03 4.44 20.46
N ILE D 74 4.56 3.28 20.90
CA ILE D 74 3.35 2.69 20.38
C ILE D 74 2.34 3.07 21.41
N ARG D 75 1.41 3.92 21.05
CA ARG D 75 0.34 4.43 21.93
C ARG D 75 -0.76 3.42 22.13
N ARG D 76 -1.20 2.73 21.04
CA ARG D 76 -2.07 1.53 21.23
C ARG D 76 -1.72 0.46 20.24
N PHE D 77 -1.80 -0.79 20.70
CA PHE D 77 -1.55 -1.93 19.84
C PHE D 77 -2.76 -2.80 19.82
N GLY D 78 -3.50 -2.72 18.72
CA GLY D 78 -4.72 -3.43 18.63
C GLY D 78 -5.52 -3.00 17.44
N ALA D 79 -6.84 -3.15 17.59
CA ALA D 79 -7.75 -3.02 16.50
C ALA D 79 -8.24 -1.59 16.38
N SER D 80 -8.21 -1.11 15.13
CA SER D 80 -8.78 0.19 14.76
C SER D 80 -10.12 -0.12 14.17
N ILE D 81 -11.13 0.58 14.65
CA ILE D 81 -12.51 0.41 14.17
C ILE D 81 -12.85 1.49 13.15
N LYS D 82 -13.45 1.09 12.02
CA LYS D 82 -13.88 2.03 10.99
C LYS D 82 -14.91 2.98 11.61
N HIS D 83 -14.44 4.15 12.09
CA HIS D 83 -15.25 5.03 12.98
C HIS D 83 -16.54 5.60 12.35
N GLN D 84 -17.37 6.22 13.20
CA GLN D 84 -18.76 6.59 12.85
C GLN D 84 -18.91 8.12 12.63
N LYS D 85 -20.15 8.60 12.47
CA LYS D 85 -20.43 10.00 12.06
C LYS D 85 -20.27 10.97 13.25
N THR D 86 -19.40 11.98 13.07
CA THR D 86 -19.18 13.06 14.06
C THR D 86 -20.24 14.15 13.80
N GLY D 87 -21.28 14.20 14.64
CA GLY D 87 -22.32 15.28 14.59
C GLY D 87 -21.77 16.70 14.50
N TRP D 88 -20.49 16.85 14.83
CA TRP D 88 -19.65 17.94 14.37
C TRP D 88 -19.21 17.70 12.95
N THR D 89 -20.07 18.19 12.09
CA THR D 89 -19.86 18.33 10.68
C THR D 89 -19.26 19.71 10.34
N HIS D 90 -19.23 20.63 11.31
CA HIS D 90 -18.63 21.95 11.10
C HIS D 90 -17.41 22.13 11.98
N ASN D 91 -16.33 22.61 11.39
CA ASN D 91 -15.02 22.68 12.08
C ASN D 91 -14.25 23.85 11.51
N ALA D 92 -13.88 24.79 12.38
CA ALA D 92 -13.36 26.07 11.99
C ALA D 92 -12.07 26.28 12.76
N MET D 93 -10.93 26.28 12.05
CA MET D 93 -9.65 26.61 12.65
C MET D 93 -9.60 28.13 12.63
N VAL D 94 -9.69 28.78 13.79
CA VAL D 94 -9.67 30.25 13.90
C VAL D 94 -8.36 30.69 14.50
N ALA D 95 -7.75 31.75 13.98
CA ALA D 95 -6.45 32.18 14.46
C ALA D 95 -6.58 33.57 15.03
N TRP D 96 -5.99 33.77 16.21
CA TRP D 96 -6.22 34.99 16.98
C TRP D 96 -4.89 35.71 17.34
N LYS D 97 -4.97 37.03 17.48
CA LYS D 97 -3.89 37.87 17.90
C LYS D 97 -3.83 37.71 19.39
N VAL D 98 -2.63 37.54 19.89
CA VAL D 98 -2.45 37.35 21.29
C VAL D 98 -1.06 37.88 21.67
N THR D 99 -1.04 38.54 22.79
CA THR D 99 0.14 39.08 23.37
C THR D 99 0.85 38.02 24.20
N PRO D 100 2.19 38.07 24.26
CA PRO D 100 2.98 37.10 25.04
C PRO D 100 2.42 36.95 26.46
N ASP D 101 2.05 38.08 27.05
CA ASP D 101 1.49 38.09 28.40
C ASP D 101 0.10 37.44 28.55
N GLN D 102 -0.60 37.26 27.46
CA GLN D 102 -1.98 36.77 27.44
C GLN D 102 -2.05 35.32 27.03
N VAL D 103 -0.94 34.79 26.53
CA VAL D 103 -0.89 33.46 25.93
C VAL D 103 -1.45 32.39 26.88
N ASP D 104 -0.93 32.27 28.10
CA ASP D 104 -1.30 31.14 28.94
C ASP D 104 -2.73 31.26 29.39
N ASP D 105 -3.14 32.45 29.77
CA ASP D 105 -4.51 32.64 30.25
C ASP D 105 -5.51 32.38 29.13
N CYS D 106 -5.28 32.97 27.95
CA CYS D 106 -6.21 32.80 26.83
C CYS D 106 -6.25 31.39 26.33
N GLY D 107 -5.07 30.73 26.24
CA GLY D 107 -5.01 29.35 25.78
C GLY D 107 -5.75 28.45 26.71
N ARG D 108 -5.57 28.69 27.98
CA ARG D 108 -6.17 27.84 29.00
C ARG D 108 -7.70 28.00 28.98
N LYS D 109 -8.17 29.24 28.93
CA LYS D 109 -9.57 29.60 28.87
C LYS D 109 -10.25 29.09 27.62
N ALA D 110 -9.58 29.22 26.49
CA ALA D 110 -10.11 28.72 25.22
C ALA D 110 -10.21 27.21 25.25
N ALA D 111 -9.21 26.53 25.77
CA ALA D 111 -9.21 25.07 25.77
C ALA D 111 -10.31 24.45 26.64
N GLU D 112 -10.74 25.18 27.65
CA GLU D 112 -11.87 24.81 28.47
C GLU D 112 -13.22 24.94 27.80
N HIS D 113 -13.29 25.59 26.64
CA HIS D 113 -14.59 25.70 25.96
C HIS D 113 -14.98 24.31 25.51
N SER D 114 -16.21 23.86 25.77
CA SER D 114 -16.53 22.46 25.39
C SER D 114 -16.51 22.24 23.84
N HIS D 115 -16.54 23.30 23.05
CA HIS D 115 -16.51 23.20 21.57
C HIS D 115 -15.15 23.43 20.96
N ILE D 116 -14.15 23.61 21.81
CA ILE D 116 -12.78 23.82 21.32
C ILE D 116 -12.00 22.61 21.78
N SER D 117 -11.45 21.86 20.87
CA SER D 117 -10.85 20.60 21.27
C SER D 117 -9.45 20.90 21.76
N HIS D 118 -8.81 21.84 21.09
CA HIS D 118 -7.47 22.22 21.49
C HIS D 118 -7.02 23.52 20.86
N VAL D 119 -5.92 24.01 21.45
CA VAL D 119 -5.42 25.32 21.19
C VAL D 119 -3.92 25.23 21.05
N TYR D 120 -3.40 25.78 19.97
CA TYR D 120 -1.94 25.86 19.77
C TYR D 120 -1.49 27.33 19.73
N TYR D 121 -0.29 27.57 20.26
CA TYR D 121 0.39 28.82 20.10
C TYR D 121 1.51 28.64 19.12
N ARG D 122 1.41 29.32 17.98
CA ARG D 122 2.40 29.20 16.92
C ARG D 122 2.94 30.56 16.62
N PRO D 123 4.12 30.87 17.13
CA PRO D 123 4.62 32.23 16.88
C PRO D 123 4.80 32.52 15.43
N SER D 124 4.62 33.79 15.11
CA SER D 124 4.81 34.28 13.78
C SER D 124 5.43 35.71 13.84
N SER D 125 6.45 35.89 13.07
CA SER D 125 7.10 37.15 12.95
C SER D 125 6.66 37.82 11.64
N ALA D 126 5.86 37.12 10.79
CA ALA D 126 5.45 37.63 9.48
C ALA D 126 4.46 38.80 9.67
N PRO D 127 4.77 39.93 9.05
CA PRO D 127 4.01 41.20 9.20
C PRO D 127 2.52 41.06 8.88
N ASP D 128 2.22 40.31 7.84
CA ASP D 128 0.84 40.18 7.47
C ASP D 128 0.18 38.94 8.06
N TRP D 129 0.83 38.24 8.97
CA TRP D 129 0.17 37.11 9.64
C TRP D 129 0.46 37.37 11.12
N PRO D 130 -0.29 38.31 11.71
CA PRO D 130 -0.06 38.59 13.12
C PRO D 130 -0.73 37.62 14.10
N TYR D 131 -1.48 36.67 13.61
CA TYR D 131 -2.28 35.77 14.48
C TYR D 131 -1.45 34.58 14.96
N GLU D 132 -1.46 34.30 16.27
CA GLU D 132 -0.63 33.26 16.82
C GLU D 132 -1.30 32.18 17.64
N MET D 133 -2.54 32.39 18.04
CA MET D 133 -3.20 31.44 18.85
C MET D 133 -4.35 30.81 18.02
N TYR D 134 -4.37 29.50 17.92
CA TYR D 134 -5.24 28.78 16.98
C TYR D 134 -6.23 27.94 17.77
N THR D 135 -7.53 28.21 17.63
CA THR D 135 -8.60 27.50 18.38
C THR D 135 -9.29 26.65 17.35
N MET D 136 -9.22 25.34 17.52
CA MET D 136 -9.97 24.43 16.66
C MET D 136 -11.38 24.33 17.23
N ILE D 137 -12.31 24.95 16.51
CA ILE D 137 -13.66 25.09 17.00
C ILE D 137 -14.51 24.06 16.28
N HIS D 138 -15.53 23.53 16.98
CA HIS D 138 -16.42 22.51 16.42
C HIS D 138 -17.83 22.86 16.64
N GLY D 139 -18.65 22.38 15.71
CA GLY D 139 -20.07 22.69 15.78
C GLY D 139 -20.94 21.91 14.81
N ARG D 140 -22.27 22.01 15.02
CA ARG D 140 -23.29 21.42 14.11
C ARG D 140 -23.62 22.35 12.95
N SER D 141 -23.14 23.61 13.01
CA SER D 141 -23.55 24.62 12.06
C SER D 141 -22.52 25.73 12.11
N GLU D 142 -22.51 26.57 11.08
CA GLU D 142 -21.53 27.65 11.00
C GLU D 142 -21.91 28.71 12.03
N ALA D 143 -23.17 29.03 12.07
CA ALA D 143 -23.68 29.85 13.11
C ALA D 143 -23.17 29.35 14.47
N GLU D 144 -23.21 28.04 14.69
CA GLU D 144 -22.82 27.48 16.01
C GLU D 144 -21.27 27.70 16.27
N CYS D 145 -20.48 27.42 15.25
CA CYS D 145 -19.02 27.67 15.30
C CYS D 145 -18.76 29.14 15.53
N LEU D 146 -19.55 30.03 14.91
CA LEU D 146 -19.36 31.47 15.15
C LEU D 146 -19.82 31.94 16.52
N GLY D 147 -20.81 31.26 17.09
CA GLY D 147 -21.20 31.56 18.44
C GLY D 147 -20.06 31.28 19.43
N VAL D 148 -19.30 30.21 19.17
CA VAL D 148 -18.12 29.88 19.96
C VAL D 148 -17.08 31.01 19.85
N VAL D 149 -16.91 31.58 18.64
CA VAL D 149 -15.99 32.70 18.47
C VAL D 149 -16.39 33.88 19.38
N GLU D 150 -17.69 34.09 19.50
CA GLU D 150 -18.23 35.12 20.35
C GLU D 150 -18.07 34.74 21.79
N ASP D 151 -18.25 33.45 22.14
CA ASP D 151 -18.01 32.99 23.53
C ASP D 151 -16.54 33.28 23.94
N VAL D 152 -15.63 32.95 23.01
CA VAL D 152 -14.21 33.25 23.26
C VAL D 152 -13.98 34.71 23.51
N LYS D 153 -14.55 35.57 22.67
CA LYS D 153 -14.35 37.02 22.88
C LYS D 153 -14.90 37.53 24.25
N ARG D 154 -15.90 36.88 24.80
CA ARG D 154 -16.48 37.37 26.07
C ARG D 154 -15.81 36.72 27.27
N THR D 155 -15.13 35.60 27.07
CA THR D 155 -14.47 34.87 28.19
C THR D 155 -12.94 34.97 28.22
N THR D 156 -12.35 35.64 27.22
CA THR D 156 -10.88 35.83 27.22
C THR D 156 -10.56 37.19 26.68
N SER D 157 -9.26 37.55 26.66
CA SER D 157 -8.79 38.81 26.08
C SER D 157 -8.75 38.72 24.55
N LEU D 158 -8.86 37.53 23.98
CA LEU D 158 -8.79 37.40 22.53
C LEU D 158 -9.89 38.23 21.84
N LYS D 159 -9.55 38.96 20.77
CA LYS D 159 -10.54 39.71 20.04
C LYS D 159 -10.32 39.60 18.54
N GLU D 160 -9.19 40.08 18.05
CA GLU D 160 -8.97 40.16 16.60
C GLU D 160 -8.57 38.78 16.12
N HIS D 161 -9.16 38.35 15.02
CA HIS D 161 -8.95 36.99 14.52
C HIS D 161 -9.19 36.91 13.07
N ALA D 162 -8.80 35.78 12.51
CA ALA D 162 -9.08 35.42 11.14
C ALA D 162 -9.71 34.06 11.21
N ILE D 163 -10.80 33.89 10.47
CA ILE D 163 -11.44 32.59 10.34
C ILE D 163 -10.88 31.98 9.06
N LEU D 164 -10.37 30.82 9.10
CA LEU D 164 -9.65 30.45 7.88
C LEU D 164 -10.58 29.40 7.27
N ARG D 165 -11.70 29.86 6.75
CA ARG D 165 -12.77 28.98 6.26
C ARG D 165 -12.17 28.00 5.24
N SER D 166 -12.46 26.72 5.44
CA SER D 166 -12.01 25.69 4.54
C SER D 166 -12.81 25.75 3.22
N LEU D 167 -12.13 25.66 2.09
CA LEU D 167 -12.77 25.66 0.81
C LEU D 167 -12.59 24.35 0.13
N LYS D 168 -11.45 23.72 0.26
CA LYS D 168 -11.24 22.43 -0.38
C LYS D 168 -10.19 21.65 0.36
N GLU D 169 -10.49 20.38 0.64
CA GLU D 169 -9.54 19.49 1.23
C GLU D 169 -8.73 18.90 0.08
N LEU D 170 -7.45 19.24 0.01
CA LEU D 170 -6.62 18.79 -1.13
C LEU D 170 -5.87 17.52 -0.83
N LYS D 171 -5.63 17.23 0.45
CA LYS D 171 -4.96 15.98 0.76
C LYS D 171 -5.35 15.65 2.14
N LYS D 172 -5.63 14.38 2.35
CA LYS D 172 -5.84 13.95 3.69
C LYS D 172 -5.40 12.51 3.91
N THR D 173 -4.31 12.29 4.61
CA THR D 173 -3.78 10.94 4.76
C THR D 173 -3.34 10.77 6.18
N SER D 174 -2.98 9.54 6.47
CA SER D 174 -2.27 9.19 7.70
C SER D 174 -0.75 9.22 7.49
N MET D 175 0.03 9.61 8.51
CA MET D 175 1.46 9.63 8.42
C MET D 175 1.98 8.19 8.37
N THR D 176 2.89 7.90 7.45
CA THR D 176 3.59 6.58 7.50
C THR D 176 4.95 6.79 8.07
N TYR D 177 5.12 6.36 9.31
CA TYR D 177 6.35 6.54 10.03
C TYR D 177 7.54 5.70 9.54
N PHE D 178 7.27 4.50 9.04
CA PHE D 178 8.33 3.56 8.63
C PHE D 178 8.18 3.36 7.15
N THR D 179 9.13 3.92 6.42
CA THR D 179 9.06 4.12 4.98
C THR D 179 9.54 2.96 4.13
#